data_5KRQ
#
_entry.id   5KRQ
#
_cell.length_a   63.445
_cell.length_b   71.046
_cell.length_c   74.807
_cell.angle_alpha   90.00
_cell.angle_beta   107.79
_cell.angle_gamma   90.00
#
_symmetry.space_group_name_H-M   'P 1 21 1'
#
loop_
_entity.id
_entity.type
_entity.pdbx_description
1 polymer Renalase
2 non-polymer 'FLAVIN-ADENINE DINUCLEOTIDE'
3 non-polymer 'NADPH DIHYDRO-NICOTINAMIDE-ADENINE-DINUCLEOTIDE PHOSPHATE'
4 water water
#
_entity_poly.entity_id   1
_entity_poly.type   'polypeptide(L)'
_entity_poly.pdbx_seq_one_letter_code
;MTVPIAIIGTGIAGLSAAQALTSAGHQVHLFDKSRGSGGRMSSKRSDAGSLDMGAQYFTARDRRFATAVKQWQAQGHVSE
WTPLLYNFHGGRLSPSPDEQVRWVGEPGMSAITRAMRGDLPVSFSCRITDVFRGEQHWNLLDAESENHGPFSHVIIATPA
PQATALLAAAPKLASVVAGVKMDPTWAVALAFETPLQTPMQGCFVQDSPLDWLARNRSKPGRDDTLDSWVLHATSQWSRQ
NLDASREQVIEHLHGAFAELIDCAMPAPVFSLAHRWLYARPAGSHEWGALSDADLGIYVCGDWCLSGRVEGAWLSGQEAA
RRLLEHLQLEHHHHHH
;
_entity_poly.pdbx_strand_id   A,B
#
# COMPACT_ATOMS: atom_id res chain seq x y z
N VAL A 3 -16.98 20.83 -3.51
CA VAL A 3 -15.92 19.91 -3.12
C VAL A 3 -16.33 18.43 -3.28
N PRO A 4 -15.70 17.71 -4.21
CA PRO A 4 -16.22 16.41 -4.63
C PRO A 4 -15.87 15.26 -3.67
N ILE A 5 -16.52 14.12 -3.94
CA ILE A 5 -16.19 12.85 -3.32
C ILE A 5 -15.14 12.14 -4.17
N ALA A 6 -14.07 11.68 -3.53
CA ALA A 6 -13.07 10.89 -4.22
C ALA A 6 -13.46 9.43 -4.16
N ILE A 7 -13.28 8.74 -5.27
CA ILE A 7 -13.48 7.30 -5.39
C ILE A 7 -12.19 6.69 -5.94
N ILE A 8 -11.59 5.77 -5.20
CA ILE A 8 -10.33 5.15 -5.59
C ILE A 8 -10.63 3.74 -6.08
N GLY A 9 -10.41 3.52 -7.37
CA GLY A 9 -10.70 2.28 -8.04
C GLY A 9 -11.84 2.48 -8.98
N THR A 10 -11.64 2.18 -10.26
CA THR A 10 -12.69 2.32 -11.25
C THR A 10 -13.11 0.97 -11.82
N GLY A 11 -13.12 -0.07 -11.00
CA GLY A 11 -13.79 -1.31 -11.36
C GLY A 11 -15.28 -1.14 -11.15
N ILE A 12 -16.01 -2.26 -11.12
CA ILE A 12 -17.46 -2.27 -11.00
C ILE A 12 -17.90 -1.63 -9.68
N ALA A 13 -17.18 -1.90 -8.60
CA ALA A 13 -17.63 -1.44 -7.29
C ALA A 13 -17.51 0.07 -7.19
N GLY A 14 -16.38 0.62 -7.64
CA GLY A 14 -16.17 2.05 -7.56
C GLY A 14 -17.08 2.80 -8.52
N LEU A 15 -17.26 2.24 -9.71
CA LEU A 15 -18.15 2.90 -10.66
C LEU A 15 -19.62 2.76 -10.26
N SER A 16 -19.96 1.69 -9.56
CA SER A 16 -21.31 1.56 -9.07
C SER A 16 -21.59 2.61 -8.02
N ALA A 17 -20.64 2.80 -7.10
CA ALA A 17 -20.79 3.85 -6.10
C ALA A 17 -20.86 5.20 -6.79
N ALA A 18 -20.04 5.39 -7.82
CA ALA A 18 -20.02 6.65 -8.56
C ALA A 18 -21.37 6.93 -9.17
N GLN A 19 -21.97 5.91 -9.79
CA GLN A 19 -23.24 6.10 -10.49
C GLN A 19 -24.32 6.49 -9.50
N ALA A 20 -24.39 5.76 -8.38
CA ALA A 20 -25.31 6.10 -7.31
C ALA A 20 -25.15 7.56 -6.83
N LEU A 21 -23.91 7.99 -6.56
CA LEU A 21 -23.68 9.35 -6.05
C LEU A 21 -24.05 10.41 -7.10
N THR A 22 -23.77 10.15 -8.36
CA THR A 22 -24.04 11.11 -9.43
C THR A 22 -25.53 11.18 -9.71
N SER A 23 -26.23 10.04 -9.62
CA SER A 23 -27.69 10.09 -9.74
C SER A 23 -28.30 10.96 -8.65
N ALA A 24 -27.67 11.00 -7.48
CA ALA A 24 -28.15 11.78 -6.36
C ALA A 24 -27.72 13.24 -6.43
N GLY A 25 -27.05 13.65 -7.52
CA GLY A 25 -26.66 15.03 -7.66
C GLY A 25 -25.27 15.36 -7.16
N HIS A 26 -24.46 14.39 -6.78
CA HIS A 26 -23.19 14.75 -6.18
C HIS A 26 -22.04 14.61 -7.19
N GLN A 27 -21.02 15.40 -6.94
CA GLN A 27 -19.81 15.45 -7.76
C GLN A 27 -18.84 14.39 -7.24
N VAL A 28 -18.26 13.63 -8.15
CA VAL A 28 -17.23 12.66 -7.78
C VAL A 28 -15.97 12.96 -8.58
N HIS A 29 -14.84 12.48 -8.05
CA HIS A 29 -13.64 12.42 -8.85
C HIS A 29 -13.05 11.04 -8.68
N LEU A 30 -12.77 10.38 -9.80
CA LEU A 30 -12.31 8.99 -9.82
C LEU A 30 -10.79 8.94 -10.01
N PHE A 31 -10.18 7.93 -9.38
CA PHE A 31 -8.76 7.65 -9.45
C PHE A 31 -8.54 6.17 -9.78
N ASP A 32 -7.62 5.89 -10.72
CA ASP A 32 -7.14 4.54 -10.92
C ASP A 32 -5.65 4.60 -11.27
N LYS A 33 -4.93 3.58 -10.80
CA LYS A 33 -3.52 3.45 -11.07
C LYS A 33 -3.29 2.98 -12.49
N SER A 34 -4.27 2.35 -13.10
CA SER A 34 -4.19 1.85 -14.45
C SER A 34 -4.46 2.97 -15.46
N ARG A 35 -4.15 2.65 -16.72
CA ARG A 35 -4.38 3.54 -17.86
C ARG A 35 -5.87 3.71 -18.16
N GLY A 36 -6.72 2.78 -17.73
CA GLY A 36 -8.14 2.91 -18.00
C GLY A 36 -8.94 2.26 -16.90
N SER A 37 -10.27 2.32 -17.05
CA SER A 37 -11.18 1.78 -16.06
C SER A 37 -11.47 0.31 -16.31
N GLY A 38 -12.16 -0.32 -15.38
CA GLY A 38 -12.65 -1.69 -15.55
C GLY A 38 -12.12 -2.70 -14.55
N GLY A 39 -10.89 -2.48 -14.05
CA GLY A 39 -10.29 -3.42 -13.11
C GLY A 39 -10.28 -4.87 -13.61
N ARG A 40 -10.80 -5.76 -12.80
CA ARG A 40 -10.76 -7.17 -13.15
C ARG A 40 -11.79 -7.56 -14.21
N MET A 41 -12.63 -6.61 -14.66
CA MET A 41 -13.43 -6.78 -15.87
C MET A 41 -12.60 -6.65 -17.15
N SER A 42 -11.40 -6.09 -17.04
CA SER A 42 -10.49 -5.81 -18.14
C SER A 42 -10.88 -4.44 -18.64
N SER A 43 -9.99 -3.80 -19.40
CA SER A 43 -10.15 -2.40 -19.76
C SER A 43 -10.28 -2.26 -21.27
N LYS A 44 -11.06 -1.26 -21.68
CA LYS A 44 -11.39 -1.06 -23.10
C LYS A 44 -10.16 -0.71 -23.97
N LEU A 51 -10.51 -9.22 -25.77
CA LEU A 51 -10.29 -10.63 -25.46
C LEU A 51 -10.94 -11.13 -24.17
N ASP A 52 -11.39 -10.24 -23.29
CA ASP A 52 -11.94 -10.64 -21.99
C ASP A 52 -11.01 -11.60 -21.26
N MET A 53 -9.90 -11.05 -20.80
CA MET A 53 -8.97 -11.88 -20.07
C MET A 53 -9.23 -11.88 -18.56
N GLY A 54 -10.14 -11.05 -18.08
CA GLY A 54 -10.50 -11.10 -16.69
C GLY A 54 -11.81 -11.84 -16.48
N ALA A 55 -12.77 -11.15 -15.86
CA ALA A 55 -14.09 -11.73 -15.68
C ALA A 55 -14.63 -12.18 -17.02
N GLN A 56 -15.20 -13.37 -17.00
CA GLN A 56 -15.62 -14.11 -18.19
C GLN A 56 -17.09 -13.96 -18.51
N TYR A 57 -17.95 -14.00 -17.51
CA TYR A 57 -19.38 -13.77 -17.66
C TYR A 57 -19.86 -13.46 -16.26
N PHE A 58 -21.13 -13.14 -16.12
CA PHE A 58 -21.65 -13.05 -14.76
C PHE A 58 -23.12 -13.43 -14.75
N THR A 59 -23.56 -13.76 -13.55
CA THR A 59 -24.93 -14.16 -13.27
C THR A 59 -25.56 -13.12 -12.36
N ALA A 60 -26.88 -13.10 -12.35
CA ALA A 60 -27.67 -12.19 -11.55
C ALA A 60 -28.62 -13.01 -10.68
N ARG A 61 -28.34 -13.05 -9.40
CA ARG A 61 -29.19 -13.73 -8.43
C ARG A 61 -29.89 -12.76 -7.50
N ASP A 62 -29.47 -11.51 -7.49
CA ASP A 62 -30.05 -10.51 -6.62
C ASP A 62 -30.96 -9.63 -7.47
N ARG A 63 -32.21 -9.49 -7.04
CA ARG A 63 -33.22 -8.79 -7.82
C ARG A 63 -32.78 -7.36 -8.13
N ARG A 64 -32.15 -6.68 -7.17
CA ARG A 64 -31.63 -5.34 -7.44
C ARG A 64 -30.57 -5.38 -8.53
N PHE A 65 -29.66 -6.33 -8.44
CA PHE A 65 -28.65 -6.43 -9.48
C PHE A 65 -29.30 -6.83 -10.80
N ALA A 66 -30.25 -7.77 -10.77
CA ALA A 66 -30.99 -8.14 -11.98
C ALA A 66 -31.56 -6.91 -12.66
N THR A 67 -32.13 -6.01 -11.88
CA THR A 67 -32.66 -4.76 -12.40
C THR A 67 -31.57 -3.95 -13.10
N ALA A 68 -30.41 -3.78 -12.46
CA ALA A 68 -29.33 -3.04 -13.12
C ALA A 68 -28.93 -3.70 -14.43
N VAL A 69 -28.93 -5.03 -14.48
CA VAL A 69 -28.53 -5.71 -15.72
C VAL A 69 -29.56 -5.42 -16.82
N LYS A 70 -30.85 -5.52 -16.49
CA LYS A 70 -31.88 -5.15 -17.47
C LYS A 70 -31.65 -3.73 -18.00
N GLN A 71 -31.18 -2.82 -17.14
CA GLN A 71 -30.90 -1.47 -17.63
C GLN A 71 -29.69 -1.46 -18.55
N TRP A 72 -28.67 -2.26 -18.23
CA TRP A 72 -27.50 -2.33 -19.10
C TRP A 72 -27.87 -2.95 -20.45
N GLN A 73 -28.76 -3.92 -20.43
CA GLN A 73 -29.29 -4.47 -21.68
C GLN A 73 -29.96 -3.38 -22.50
N ALA A 74 -30.77 -2.55 -21.87
CA ALA A 74 -31.50 -1.56 -22.64
C ALA A 74 -30.57 -0.47 -23.16
N GLN A 75 -29.39 -0.33 -22.56
CA GLN A 75 -28.42 0.64 -23.04
C GLN A 75 -27.50 0.05 -24.08
N GLY A 76 -27.59 -1.25 -24.38
CA GLY A 76 -26.76 -1.87 -25.42
C GLY A 76 -25.39 -2.34 -24.96
N HIS A 77 -25.18 -2.55 -23.66
CA HIS A 77 -23.85 -2.90 -23.18
C HIS A 77 -23.75 -4.31 -22.64
N VAL A 78 -24.86 -5.04 -22.49
CA VAL A 78 -24.78 -6.42 -22.00
C VAL A 78 -25.70 -7.29 -22.82
N SER A 79 -25.33 -8.55 -22.99
CA SER A 79 -26.16 -9.50 -23.67
C SER A 79 -25.93 -10.85 -23.04
N GLU A 80 -26.79 -11.77 -23.41
CA GLU A 80 -26.77 -13.11 -22.87
C GLU A 80 -25.80 -13.94 -23.67
N TRP A 81 -25.08 -14.83 -22.98
CA TRP A 81 -24.17 -15.79 -23.57
C TRP A 81 -24.66 -17.19 -23.22
N THR A 82 -24.90 -18.02 -24.24
CA THR A 82 -25.31 -19.41 -24.01
C THR A 82 -24.32 -20.31 -24.72
N PRO A 83 -23.12 -20.48 -24.16
CA PRO A 83 -22.13 -21.37 -24.78
C PRO A 83 -22.54 -22.81 -24.60
N LEU A 84 -22.13 -23.63 -25.55
CA LEU A 84 -22.12 -25.07 -25.38
C LEU A 84 -20.99 -25.43 -24.43
N LEU A 85 -21.35 -25.76 -23.19
CA LEU A 85 -20.39 -25.88 -22.09
C LEU A 85 -20.04 -27.32 -21.83
N TYR A 86 -18.75 -27.57 -21.58
CA TYR A 86 -18.25 -28.88 -21.27
C TYR A 86 -17.68 -28.91 -19.87
N ASN A 87 -17.35 -30.10 -19.45
CA ASN A 87 -16.65 -30.38 -18.21
C ASN A 87 -15.49 -31.33 -18.50
N PHE A 88 -14.36 -31.12 -17.87
CA PHE A 88 -13.24 -32.03 -17.98
C PHE A 88 -12.96 -32.55 -16.58
N HIS A 89 -13.21 -33.84 -16.37
CA HIS A 89 -13.07 -34.48 -15.07
C HIS A 89 -12.39 -35.83 -15.28
N GLY A 90 -11.29 -36.05 -14.58
CA GLY A 90 -10.59 -37.34 -14.63
C GLY A 90 -10.17 -37.76 -16.01
N GLY A 91 -9.62 -36.83 -16.79
CA GLY A 91 -9.17 -37.17 -18.13
C GLY A 91 -10.25 -37.31 -19.17
N ARG A 92 -11.51 -37.02 -18.85
CA ARG A 92 -12.60 -37.16 -19.81
C ARG A 92 -13.28 -35.82 -20.02
N LEU A 93 -13.47 -35.48 -21.30
CA LEU A 93 -14.25 -34.33 -21.72
C LEU A 93 -15.70 -34.78 -21.91
N SER A 94 -16.63 -34.06 -21.33
CA SER A 94 -18.03 -34.44 -21.55
C SER A 94 -18.85 -33.17 -21.64
N PRO A 95 -19.89 -33.15 -22.48
CA PRO A 95 -20.81 -32.02 -22.48
C PRO A 95 -21.42 -31.83 -21.10
N SER A 96 -21.63 -30.57 -20.73
CA SER A 96 -22.17 -30.24 -19.42
C SER A 96 -23.26 -29.18 -19.58
N PRO A 97 -24.34 -29.51 -20.26
CA PRO A 97 -25.39 -28.52 -20.51
C PRO A 97 -26.07 -28.04 -19.23
N ASP A 98 -26.53 -26.79 -19.26
CA ASP A 98 -27.37 -26.27 -18.19
C ASP A 98 -28.32 -25.26 -18.79
N GLU A 99 -29.08 -24.64 -17.91
CA GLU A 99 -29.98 -23.56 -18.28
C GLU A 99 -29.65 -22.31 -17.48
N GLN A 100 -28.41 -22.15 -17.06
CA GLN A 100 -28.03 -20.95 -16.33
C GLN A 100 -27.97 -19.79 -17.31
N VAL A 101 -28.52 -18.65 -16.88
CA VAL A 101 -28.40 -17.44 -17.67
C VAL A 101 -27.08 -16.76 -17.34
N ARG A 102 -26.28 -16.52 -18.37
CA ARG A 102 -24.98 -15.87 -18.23
C ARG A 102 -24.97 -14.63 -19.12
N TRP A 103 -24.44 -13.54 -18.55
CA TRP A 103 -24.34 -12.24 -19.18
C TRP A 103 -22.89 -11.89 -19.46
N VAL A 104 -22.66 -11.16 -20.55
CA VAL A 104 -21.35 -10.63 -20.92
C VAL A 104 -21.55 -9.20 -21.40
N GLY A 105 -20.59 -8.36 -21.10
CA GLY A 105 -20.51 -7.07 -21.77
C GLY A 105 -20.39 -7.29 -23.27
N GLU A 106 -20.88 -6.30 -24.02
CA GLU A 106 -20.86 -6.34 -25.46
C GLU A 106 -20.44 -4.95 -25.89
N PRO A 107 -19.43 -4.82 -26.76
CA PRO A 107 -18.79 -5.91 -27.49
C PRO A 107 -17.64 -6.58 -26.75
N GLY A 108 -17.37 -6.13 -25.52
CA GLY A 108 -16.53 -6.87 -24.59
C GLY A 108 -16.94 -6.62 -23.15
N MET A 109 -16.38 -7.42 -22.24
CA MET A 109 -16.66 -7.25 -20.82
C MET A 109 -16.37 -5.82 -20.35
N SER A 110 -15.38 -5.15 -20.95
CA SER A 110 -15.02 -3.80 -20.56
C SER A 110 -16.12 -2.78 -20.80
N ALA A 111 -17.16 -3.12 -21.58
CA ALA A 111 -18.13 -2.12 -22.01
C ALA A 111 -19.01 -1.66 -20.87
N ILE A 112 -19.23 -2.53 -19.89
CA ILE A 112 -20.12 -2.19 -18.79
C ILE A 112 -19.53 -1.03 -17.99
N THR A 113 -18.31 -1.22 -17.49
CA THR A 113 -17.64 -0.16 -16.73
C THR A 113 -17.40 1.09 -17.59
N ARG A 114 -17.01 0.93 -18.84
CA ARG A 114 -16.77 2.14 -19.65
C ARG A 114 -18.04 3.00 -19.70
N ALA A 115 -19.18 2.37 -19.93
CA ALA A 115 -20.44 3.13 -19.97
C ALA A 115 -20.78 3.67 -18.59
N MET A 116 -20.50 2.92 -17.52
CA MET A 116 -20.78 3.44 -16.19
C MET A 116 -19.94 4.69 -15.91
N ARG A 117 -18.67 4.66 -16.31
CA ARG A 117 -17.80 5.82 -16.11
C ARG A 117 -18.27 7.03 -16.92
N GLY A 118 -18.62 6.83 -18.19
CA GLY A 118 -19.05 7.92 -19.05
C GLY A 118 -18.05 9.08 -19.05
N ASP A 119 -18.54 10.29 -18.77
CA ASP A 119 -17.71 11.48 -18.79
C ASP A 119 -17.35 11.99 -17.39
N LEU A 120 -17.50 11.15 -16.38
CA LEU A 120 -17.16 11.56 -15.02
C LEU A 120 -15.69 11.95 -14.91
N PRO A 121 -15.35 12.89 -14.03
CA PRO A 121 -13.94 13.28 -13.88
C PRO A 121 -13.11 12.13 -13.36
N VAL A 122 -11.95 11.92 -13.97
CA VAL A 122 -11.12 10.77 -13.61
C VAL A 122 -9.66 11.13 -13.81
N SER A 123 -8.80 10.66 -12.90
CA SER A 123 -7.36 10.75 -13.03
C SER A 123 -6.82 9.32 -13.17
N PHE A 124 -6.37 8.96 -14.36
CA PHE A 124 -5.77 7.65 -14.62
C PHE A 124 -4.25 7.66 -14.42
N SER A 125 -3.65 6.48 -14.50
CA SER A 125 -2.23 6.29 -14.17
C SER A 125 -1.89 7.03 -12.89
N CYS A 126 -2.75 6.91 -11.89
CA CYS A 126 -2.59 7.65 -10.64
C CYS A 126 -2.74 6.67 -9.48
N ARG A 127 -1.61 6.17 -8.99
CA ARG A 127 -1.61 5.22 -7.87
C ARG A 127 -1.64 6.04 -6.58
N ILE A 128 -2.75 5.94 -5.84
CA ILE A 128 -2.85 6.57 -4.54
C ILE A 128 -2.05 5.75 -3.54
N THR A 129 -1.25 6.42 -2.70
CA THR A 129 -0.48 5.75 -1.68
C THR A 129 -0.88 6.12 -0.26
N ASP A 130 -1.50 7.28 -0.05
CA ASP A 130 -1.92 7.67 1.28
C ASP A 130 -3.20 8.46 1.19
N VAL A 131 -4.01 8.31 2.24
CA VAL A 131 -5.31 8.97 2.33
C VAL A 131 -5.45 9.51 3.75
N PHE A 132 -5.56 10.83 3.88
CA PHE A 132 -5.54 11.43 5.20
C PHE A 132 -6.51 12.61 5.24
N ARG A 133 -6.93 12.98 6.44
CA ARG A 133 -7.92 14.04 6.53
C ARG A 133 -7.42 15.11 7.49
N GLY A 134 -7.75 16.36 7.15
CA GLY A 134 -7.59 17.48 8.04
C GLY A 134 -8.81 17.60 8.90
N GLU A 135 -9.01 18.78 9.50
CA GLU A 135 -10.18 18.95 10.32
C GLU A 135 -11.47 18.85 9.52
N GLN A 136 -11.44 19.20 8.22
CA GLN A 136 -12.63 19.18 7.38
C GLN A 136 -12.53 18.21 6.22
N HIS A 137 -11.52 18.33 5.36
CA HIS A 137 -11.47 17.67 4.06
C HIS A 137 -10.48 16.51 4.05
N TRP A 138 -10.68 15.64 3.07
CA TRP A 138 -9.74 14.59 2.78
C TRP A 138 -8.78 15.01 1.68
N ASN A 139 -7.61 14.35 1.69
CA ASN A 139 -6.53 14.54 0.73
C ASN A 139 -5.93 13.20 0.35
N LEU A 140 -5.56 13.06 -0.93
CA LEU A 140 -4.87 11.87 -1.40
C LEU A 140 -3.48 12.22 -1.88
N LEU A 141 -2.51 11.38 -1.50
CA LEU A 141 -1.16 11.45 -2.03
C LEU A 141 -0.98 10.34 -3.02
N ASP A 142 -0.39 10.64 -4.15
CA ASP A 142 -0.16 9.62 -5.15
C ASP A 142 1.32 9.25 -5.17
N ALA A 143 1.66 8.30 -6.03
CA ALA A 143 2.99 7.71 -5.98
C ALA A 143 4.04 8.68 -6.48
N GLU A 144 3.65 9.69 -7.23
CA GLU A 144 4.55 10.76 -7.65
C GLU A 144 4.64 11.85 -6.61
N SER A 145 4.18 11.58 -5.39
CA SER A 145 4.17 12.53 -4.28
C SER A 145 3.28 13.75 -4.52
N GLU A 146 2.37 13.71 -5.49
CA GLU A 146 1.50 14.86 -5.71
C GLU A 146 0.27 14.78 -4.81
N ASN A 147 -0.19 15.95 -4.37
CA ASN A 147 -1.40 15.97 -3.53
C ASN A 147 -2.64 16.12 -4.40
N HIS A 148 -3.71 15.38 -4.04
CA HIS A 148 -5.02 15.56 -4.65
C HIS A 148 -6.06 15.84 -3.57
N GLY A 149 -6.89 16.86 -3.79
CA GLY A 149 -7.82 17.32 -2.79
C GLY A 149 -8.10 18.79 -2.98
N PRO A 150 -9.02 19.35 -2.20
CA PRO A 150 -9.75 18.62 -1.17
C PRO A 150 -10.94 17.78 -1.65
N PHE A 151 -11.28 16.81 -0.82
CA PHE A 151 -12.44 15.93 -1.02
C PHE A 151 -13.27 15.85 0.25
N SER A 152 -14.58 15.71 0.07
CA SER A 152 -15.45 15.77 1.24
C SER A 152 -15.51 14.42 1.94
N HIS A 153 -15.39 13.33 1.18
CA HIS A 153 -15.51 11.96 1.61
C HIS A 153 -14.64 11.15 0.67
N VAL A 154 -14.31 9.93 1.07
CA VAL A 154 -13.46 9.04 0.27
C VAL A 154 -14.09 7.66 0.27
N ILE A 155 -14.25 7.11 -0.92
CA ILE A 155 -14.62 5.71 -1.07
C ILE A 155 -13.41 4.95 -1.62
N ILE A 156 -13.00 3.92 -0.88
CA ILE A 156 -12.00 2.96 -1.35
C ILE A 156 -12.71 1.78 -2.00
N ALA A 157 -12.36 1.50 -3.25
CA ALA A 157 -12.97 0.47 -4.08
C ALA A 157 -11.89 -0.37 -4.78
N THR A 158 -10.92 -0.82 -4.01
CA THR A 158 -9.81 -1.63 -4.48
C THR A 158 -9.92 -3.04 -3.89
N PRO A 159 -9.18 -4.01 -4.44
CA PRO A 159 -9.01 -5.28 -3.73
C PRO A 159 -8.48 -5.05 -2.31
N ALA A 160 -8.90 -5.90 -1.40
CA ALA A 160 -8.64 -5.70 0.03
C ALA A 160 -7.17 -5.44 0.35
N PRO A 161 -6.22 -6.24 -0.14
CA PRO A 161 -4.80 -5.99 0.17
C PRO A 161 -4.34 -4.64 -0.29
N GLN A 162 -4.95 -4.11 -1.34
CA GLN A 162 -4.57 -2.78 -1.81
C GLN A 162 -5.35 -1.68 -1.10
N ALA A 163 -6.42 -2.02 -0.41
CA ALA A 163 -7.15 -1.01 0.36
C ALA A 163 -6.52 -0.74 1.72
N THR A 164 -5.81 -1.73 2.30
CA THR A 164 -5.28 -1.57 3.64
C THR A 164 -4.34 -0.38 3.73
N ALA A 165 -3.51 -0.18 2.69
CA ALA A 165 -2.60 0.95 2.64
C ALA A 165 -3.34 2.27 2.71
N LEU A 166 -4.58 2.27 2.25
CA LEU A 166 -5.35 3.48 2.08
C LEU A 166 -6.23 3.76 3.27
N LEU A 167 -6.12 2.97 4.35
CA LEU A 167 -7.03 3.06 5.48
C LEU A 167 -6.32 3.42 6.79
N ALA A 168 -5.10 3.91 6.70
CA ALA A 168 -4.32 4.34 7.85
C ALA A 168 -5.10 5.28 8.74
N ALA A 169 -6.01 6.06 8.16
CA ALA A 169 -6.81 6.96 8.94
C ALA A 169 -7.86 6.22 9.76
N ALA A 170 -8.10 4.93 9.49
CA ALA A 170 -9.10 4.14 10.22
C ALA A 170 -8.55 2.77 10.53
N PRO A 171 -7.65 2.67 11.52
CA PRO A 171 -6.89 1.41 11.70
C PRO A 171 -7.77 0.25 12.06
N LYS A 172 -8.91 0.49 12.70
CA LYS A 172 -9.83 -0.61 12.98
C LYS A 172 -10.37 -1.19 11.68
N LEU A 173 -10.71 -0.34 10.72
CA LEU A 173 -11.13 -0.81 9.41
C LEU A 173 -9.98 -1.48 8.68
N ALA A 174 -8.81 -0.82 8.65
CA ALA A 174 -7.62 -1.40 8.04
C ALA A 174 -7.38 -2.82 8.54
N SER A 175 -7.51 -3.02 9.84
CA SER A 175 -7.26 -4.32 10.43
C SER A 175 -8.27 -5.37 9.92
N VAL A 176 -9.54 -4.99 9.77
CA VAL A 176 -10.51 -5.91 9.22
C VAL A 176 -10.20 -6.18 7.75
N VAL A 177 -9.89 -5.15 6.99
CA VAL A 177 -9.66 -5.36 5.57
C VAL A 177 -8.41 -6.17 5.34
N ALA A 178 -7.42 -6.03 6.22
CA ALA A 178 -6.17 -6.73 6.03
C ALA A 178 -6.29 -8.22 6.27
N GLY A 179 -7.37 -8.65 6.89
CA GLY A 179 -7.57 -10.06 7.12
C GLY A 179 -8.13 -10.78 5.91
N VAL A 180 -8.58 -10.03 4.91
CA VAL A 180 -9.30 -10.62 3.79
C VAL A 180 -8.29 -11.13 2.78
N LYS A 181 -8.26 -12.45 2.57
CA LYS A 181 -7.32 -13.04 1.61
C LYS A 181 -7.93 -13.11 0.20
N MET A 182 -7.11 -12.84 -0.79
CA MET A 182 -7.45 -12.98 -2.19
C MET A 182 -6.55 -14.03 -2.83
N ASP A 183 -7.09 -14.78 -3.77
CA ASP A 183 -6.30 -15.75 -4.50
C ASP A 183 -5.89 -15.19 -5.86
N PRO A 184 -4.74 -15.59 -6.36
CA PRO A 184 -4.28 -15.11 -7.65
C PRO A 184 -4.77 -16.01 -8.78
N THR A 185 -4.79 -15.45 -9.98
CA THR A 185 -5.14 -16.21 -11.18
C THR A 185 -4.21 -15.81 -12.30
N TRP A 186 -3.53 -16.80 -12.88
CA TRP A 186 -2.89 -16.60 -14.18
C TRP A 186 -3.90 -16.85 -15.30
N ALA A 187 -3.93 -15.96 -16.29
CA ALA A 187 -4.72 -16.11 -17.50
C ALA A 187 -3.81 -16.16 -18.71
N VAL A 188 -4.24 -16.93 -19.71
CA VAL A 188 -3.55 -17.03 -20.98
C VAL A 188 -4.58 -16.90 -22.09
N ALA A 189 -4.21 -16.20 -23.16
CA ALA A 189 -5.05 -16.16 -24.34
C ALA A 189 -4.27 -16.74 -25.50
N LEU A 190 -4.96 -17.52 -26.31
CA LEU A 190 -4.40 -18.20 -27.46
C LEU A 190 -5.30 -17.89 -28.64
N ALA A 191 -4.72 -17.61 -29.81
CA ALA A 191 -5.52 -17.31 -30.99
C ALA A 191 -5.08 -18.14 -32.19
N PHE A 192 -6.03 -18.81 -32.85
CA PHE A 192 -5.77 -19.65 -34.01
C PHE A 192 -6.37 -19.09 -35.30
N GLU A 193 -5.66 -19.25 -36.41
CA GLU A 193 -6.20 -18.87 -37.73
C GLU A 193 -7.27 -19.86 -38.17
N THR A 194 -6.93 -21.13 -38.17
CA THR A 194 -7.94 -22.15 -38.43
C THR A 194 -8.66 -22.47 -37.13
N PRO A 195 -9.99 -22.28 -37.05
CA PRO A 195 -10.71 -22.58 -35.79
C PRO A 195 -10.51 -24.02 -35.35
N LEU A 196 -10.45 -24.22 -34.04
CA LEU A 196 -10.34 -25.56 -33.52
C LEU A 196 -11.60 -26.34 -33.87
N GLN A 197 -11.41 -27.58 -34.31
CA GLN A 197 -12.50 -28.44 -34.79
C GLN A 197 -13.19 -29.11 -33.60
N THR A 198 -13.83 -28.28 -32.79
CA THR A 198 -14.62 -28.77 -31.69
C THR A 198 -15.84 -27.88 -31.53
N PRO A 199 -16.97 -28.46 -31.12
CA PRO A 199 -18.14 -27.63 -30.80
C PRO A 199 -18.06 -26.98 -29.42
N MET A 200 -17.10 -27.38 -28.58
CA MET A 200 -16.93 -26.78 -27.26
C MET A 200 -16.75 -25.28 -27.37
N GLN A 201 -17.44 -24.54 -26.51
CA GLN A 201 -17.31 -23.08 -26.40
C GLN A 201 -16.89 -22.61 -25.03
N GLY A 202 -16.89 -23.48 -24.04
CA GLY A 202 -16.38 -23.21 -22.70
C GLY A 202 -16.27 -24.52 -21.96
N CYS A 203 -15.46 -24.54 -20.88
CA CYS A 203 -15.28 -25.80 -20.17
C CYS A 203 -14.90 -25.52 -18.73
N PHE A 204 -15.57 -26.18 -17.78
CA PHE A 204 -15.14 -26.21 -16.39
C PHE A 204 -14.15 -27.35 -16.24
N VAL A 205 -13.00 -27.06 -15.67
CA VAL A 205 -11.90 -28.02 -15.70
C VAL A 205 -11.51 -28.42 -14.29
N GLN A 206 -11.42 -29.74 -14.08
CA GLN A 206 -10.91 -30.34 -12.86
C GLN A 206 -9.66 -31.16 -13.17
N ASP A 207 -8.83 -31.36 -12.15
CA ASP A 207 -7.67 -32.24 -12.23
C ASP A 207 -6.64 -31.69 -13.22
N SER A 208 -6.42 -30.38 -13.18
CA SER A 208 -5.60 -29.75 -14.20
C SER A 208 -5.11 -28.42 -13.67
N PRO A 209 -4.01 -27.89 -14.24
CA PRO A 209 -3.66 -26.50 -13.99
C PRO A 209 -4.78 -25.54 -14.35
N LEU A 210 -5.60 -25.88 -15.34
CA LEU A 210 -6.73 -25.05 -15.73
C LEU A 210 -7.95 -25.34 -14.89
N ASP A 211 -8.73 -24.30 -14.56
CA ASP A 211 -10.11 -24.57 -14.16
C ASP A 211 -11.15 -24.01 -15.09
N TRP A 212 -10.77 -23.24 -16.12
CA TRP A 212 -11.79 -22.69 -16.99
C TRP A 212 -11.19 -22.34 -18.36
N LEU A 213 -11.98 -22.54 -19.41
CA LEU A 213 -11.60 -22.00 -20.68
C LEU A 213 -12.83 -21.47 -21.39
N ALA A 214 -12.63 -20.47 -22.25
CA ALA A 214 -13.74 -19.88 -22.99
C ALA A 214 -13.33 -19.60 -24.41
N ARG A 215 -14.30 -19.72 -25.26
CA ARG A 215 -14.13 -19.52 -26.68
C ARG A 215 -14.71 -18.15 -27.02
N ASN A 216 -13.82 -17.20 -27.28
CA ASN A 216 -14.27 -15.80 -27.39
C ASN A 216 -15.27 -15.61 -28.50
N ARG A 217 -15.08 -16.28 -29.64
CA ARG A 217 -15.96 -16.01 -30.76
C ARG A 217 -17.37 -16.54 -30.53
N SER A 218 -17.58 -17.34 -29.53
CA SER A 218 -18.94 -17.72 -29.23
C SER A 218 -19.70 -16.62 -28.49
N LYS A 219 -19.03 -15.55 -28.05
CA LYS A 219 -19.75 -14.49 -27.33
C LYS A 219 -20.39 -13.51 -28.30
N PRO A 220 -21.58 -12.98 -27.98
CA PRO A 220 -22.27 -12.06 -28.90
C PRO A 220 -21.46 -10.81 -29.24
N GLY A 221 -21.41 -10.48 -30.52
CA GLY A 221 -20.77 -9.27 -30.97
C GLY A 221 -19.27 -9.27 -30.96
N ARG A 222 -18.64 -10.40 -30.73
CA ARG A 222 -17.19 -10.49 -30.82
C ARG A 222 -16.75 -10.64 -32.28
N ASP A 223 -15.50 -10.26 -32.55
CA ASP A 223 -14.92 -10.44 -33.88
C ASP A 223 -14.53 -11.90 -34.10
N ASP A 224 -15.02 -12.45 -35.22
CA ASP A 224 -14.83 -13.84 -35.59
C ASP A 224 -13.53 -14.14 -36.31
N THR A 225 -12.68 -13.12 -36.56
CA THR A 225 -11.59 -13.33 -37.52
C THR A 225 -10.69 -14.47 -37.07
N LEU A 226 -10.17 -14.38 -35.85
CA LEU A 226 -9.43 -15.47 -35.25
C LEU A 226 -10.28 -16.22 -34.24
N ASP A 227 -9.96 -17.49 -34.05
CA ASP A 227 -10.53 -18.32 -32.98
C ASP A 227 -9.65 -18.15 -31.74
N SER A 228 -10.04 -17.21 -30.88
CA SER A 228 -9.25 -16.94 -29.68
C SER A 228 -9.89 -17.58 -28.46
N TRP A 229 -9.03 -18.10 -27.60
CA TRP A 229 -9.43 -18.85 -26.40
C TRP A 229 -8.80 -18.23 -25.16
N VAL A 230 -9.55 -18.17 -24.06
CA VAL A 230 -9.02 -17.68 -22.81
C VAL A 230 -8.94 -18.85 -21.84
N LEU A 231 -7.79 -18.98 -21.19
CA LEU A 231 -7.45 -20.05 -20.28
C LEU A 231 -7.21 -19.43 -18.91
N HIS A 232 -7.93 -19.90 -17.88
CA HIS A 232 -7.73 -19.45 -16.52
C HIS A 232 -7.24 -20.61 -15.67
N ALA A 233 -6.10 -20.42 -15.04
CA ALA A 233 -5.54 -21.47 -14.19
C ALA A 233 -6.22 -21.43 -12.83
N THR A 234 -6.17 -22.55 -12.11
CA THR A 234 -6.70 -22.56 -10.77
C THR A 234 -5.88 -21.62 -9.91
N SER A 235 -6.46 -21.28 -8.76
CA SER A 235 -5.73 -20.50 -7.77
C SER A 235 -4.56 -21.30 -7.20
N GLN A 236 -4.76 -22.59 -6.97
CA GLN A 236 -3.68 -23.40 -6.43
C GLN A 236 -2.50 -23.43 -7.40
N TRP A 237 -2.77 -23.69 -8.68
CA TRP A 237 -1.69 -23.69 -9.64
C TRP A 237 -1.08 -22.31 -9.78
N SER A 238 -1.91 -21.28 -9.79
CA SER A 238 -1.40 -19.91 -9.91
C SER A 238 -0.47 -19.58 -8.74
N ARG A 239 -0.88 -19.91 -7.50
CA ARG A 239 0.01 -19.72 -6.35
C ARG A 239 1.34 -20.44 -6.55
N GLN A 240 1.28 -21.70 -7.01
CA GLN A 240 2.51 -22.48 -7.13
C GLN A 240 3.43 -21.94 -8.20
N ASN A 241 2.90 -21.13 -9.12
CA ASN A 241 3.64 -20.63 -10.27
C ASN A 241 3.54 -19.12 -10.31
N LEU A 242 3.36 -18.53 -9.14
CA LEU A 242 3.08 -17.11 -9.09
C LEU A 242 4.21 -16.29 -9.68
N ASP A 243 5.46 -16.75 -9.56
CA ASP A 243 6.60 -16.02 -10.09
C ASP A 243 7.12 -16.61 -11.39
N ALA A 244 6.38 -17.52 -12.02
CA ALA A 244 6.77 -18.02 -13.32
C ALA A 244 6.73 -16.89 -14.33
N SER A 245 7.57 -16.99 -15.37
CA SER A 245 7.51 -16.01 -16.43
C SER A 245 6.27 -16.25 -17.27
N ARG A 246 5.80 -15.18 -17.92
CA ARG A 246 4.71 -15.27 -18.87
C ARG A 246 4.92 -16.39 -19.88
N GLU A 247 6.15 -16.55 -20.40
CA GLU A 247 6.33 -17.53 -21.46
C GLU A 247 6.26 -18.95 -20.92
N GLN A 248 6.71 -19.19 -19.69
CA GLN A 248 6.49 -20.50 -19.07
C GLN A 248 5.02 -20.74 -18.78
N VAL A 249 4.29 -19.70 -18.35
CA VAL A 249 2.88 -19.86 -18.04
C VAL A 249 2.11 -20.20 -19.31
N ILE A 250 2.33 -19.42 -20.36
CA ILE A 250 1.79 -19.76 -21.67
C ILE A 250 2.07 -21.22 -22.01
N GLU A 251 3.33 -21.65 -21.90
CA GLU A 251 3.68 -23.02 -22.32
C GLU A 251 2.95 -24.06 -21.48
N HIS A 252 2.84 -23.86 -20.16
CA HIS A 252 2.17 -24.84 -19.32
C HIS A 252 0.67 -24.88 -19.57
N LEU A 253 0.03 -23.72 -19.66
CA LEU A 253 -1.41 -23.73 -19.79
C LEU A 253 -1.83 -24.11 -21.19
N HIS A 254 -1.06 -23.67 -22.19
CA HIS A 254 -1.23 -24.18 -23.55
C HIS A 254 -1.10 -25.71 -23.56
N GLY A 255 -0.18 -26.27 -22.78
CA GLY A 255 -0.02 -27.71 -22.77
C GLY A 255 -1.25 -28.35 -22.15
N ALA A 256 -1.70 -27.80 -21.01
CA ALA A 256 -2.90 -28.30 -20.35
C ALA A 256 -4.08 -28.29 -21.32
N PHE A 257 -4.20 -27.22 -22.11
CA PHE A 257 -5.28 -27.08 -23.08
C PHE A 257 -5.17 -28.14 -24.16
N ALA A 258 -3.95 -28.32 -24.67
CA ALA A 258 -3.74 -29.33 -25.70
C ALA A 258 -4.03 -30.72 -25.15
N GLU A 259 -3.86 -30.91 -23.85
CA GLU A 259 -4.05 -32.25 -23.28
C GLU A 259 -5.53 -32.59 -23.10
N LEU A 260 -6.38 -31.61 -22.81
CA LEU A 260 -7.79 -31.94 -22.64
C LEU A 260 -8.59 -31.83 -23.92
N ILE A 261 -8.15 -31.04 -24.89
CA ILE A 261 -8.94 -30.85 -26.10
C ILE A 261 -8.96 -32.14 -26.93
N ASP A 262 -10.10 -32.39 -27.58
CA ASP A 262 -10.37 -33.61 -28.31
C ASP A 262 -9.88 -33.57 -29.74
N CYS A 263 -9.20 -32.51 -30.17
CA CYS A 263 -8.97 -32.26 -31.59
C CYS A 263 -7.56 -31.72 -31.81
N ALA A 264 -7.22 -31.54 -33.08
CA ALA A 264 -5.92 -31.01 -33.44
C ALA A 264 -5.86 -29.53 -33.10
N MET A 265 -4.64 -29.01 -32.98
CA MET A 265 -4.43 -27.63 -32.58
C MET A 265 -3.24 -27.07 -33.33
N PRO A 266 -3.42 -26.12 -34.22
CA PRO A 266 -2.27 -25.60 -34.96
C PRO A 266 -1.49 -24.62 -34.08
N ALA A 267 -0.44 -24.03 -34.66
CA ALA A 267 0.33 -23.05 -33.93
C ALA A 267 -0.47 -21.76 -33.80
N PRO A 268 -0.45 -21.15 -32.63
CA PRO A 268 -1.20 -19.91 -32.47
C PRO A 268 -0.61 -18.78 -33.30
N VAL A 269 -1.50 -17.88 -33.69
CA VAL A 269 -1.12 -16.62 -34.30
C VAL A 269 -0.38 -15.75 -33.29
N PHE A 270 -0.89 -15.70 -32.07
CA PHE A 270 -0.22 -15.07 -30.94
C PHE A 270 -0.68 -15.74 -29.64
N SER A 271 0.04 -15.45 -28.57
CA SER A 271 -0.36 -15.90 -27.25
C SER A 271 0.00 -14.84 -26.23
N LEU A 272 -0.88 -14.64 -25.25
CA LEU A 272 -0.73 -13.66 -24.17
C LEU A 272 -0.86 -14.35 -22.81
N ALA A 273 -0.28 -13.73 -21.79
CA ALA A 273 -0.42 -14.16 -20.40
C ALA A 273 -0.61 -12.95 -19.51
N HIS A 274 -1.42 -13.09 -18.48
CA HIS A 274 -1.62 -11.99 -17.55
C HIS A 274 -1.86 -12.55 -16.15
N ARG A 275 -1.13 -12.00 -15.16
CA ARG A 275 -1.22 -12.44 -13.78
C ARG A 275 -2.06 -11.47 -12.96
N TRP A 276 -3.09 -11.99 -12.27
CA TRP A 276 -3.79 -11.22 -11.24
C TRP A 276 -3.39 -11.74 -9.89
N LEU A 277 -2.67 -10.92 -9.09
CA LEU A 277 -2.28 -11.36 -7.77
C LEU A 277 -3.49 -11.51 -6.90
N TYR A 278 -4.43 -10.57 -7.01
CA TYR A 278 -5.60 -10.50 -6.16
C TYR A 278 -6.83 -10.64 -7.05
N ALA A 279 -7.05 -11.86 -7.51
CA ALA A 279 -8.02 -12.15 -8.55
C ALA A 279 -9.42 -12.30 -7.98
N ARG A 280 -9.53 -13.05 -6.89
CA ARG A 280 -10.75 -13.54 -6.33
C ARG A 280 -10.60 -13.59 -4.82
N PRO A 281 -11.60 -13.17 -4.04
CA PRO A 281 -11.49 -13.40 -2.59
C PRO A 281 -11.46 -14.88 -2.34
N ALA A 282 -10.68 -15.30 -1.31
CA ALA A 282 -10.58 -16.70 -0.94
C ALA A 282 -11.89 -17.22 -0.39
N GLY A 283 -12.59 -16.42 0.39
CA GLY A 283 -13.90 -16.83 0.82
C GLY A 283 -14.92 -15.73 0.63
N SER A 284 -16.13 -15.96 1.12
CA SER A 284 -17.22 -15.03 0.96
C SER A 284 -17.45 -14.27 2.24
N HIS A 285 -17.99 -13.08 2.09
CA HIS A 285 -18.32 -12.22 3.21
C HIS A 285 -19.74 -11.74 3.02
N GLU A 286 -20.29 -11.14 4.08
CA GLU A 286 -21.64 -10.60 4.07
C GLU A 286 -21.67 -9.16 4.56
N TRP A 287 -20.52 -8.50 4.63
CA TRP A 287 -20.46 -7.13 5.12
C TRP A 287 -21.25 -6.20 4.24
N GLY A 288 -21.28 -6.45 2.93
CA GLY A 288 -21.87 -5.52 1.98
C GLY A 288 -20.92 -4.37 1.66
N ALA A 289 -20.48 -3.64 2.70
CA ALA A 289 -19.48 -2.60 2.61
C ALA A 289 -19.02 -2.28 4.04
N LEU A 290 -17.93 -1.57 4.17
CA LEU A 290 -17.42 -1.19 5.48
C LEU A 290 -17.27 0.33 5.52
N SER A 291 -17.87 0.95 6.53
CA SER A 291 -17.81 2.41 6.62
C SER A 291 -17.46 2.92 8.02
N ASP A 292 -16.77 4.04 8.00
CA ASP A 292 -16.47 4.91 9.14
C ASP A 292 -17.17 6.20 8.78
N ALA A 293 -18.46 6.26 9.11
CA ALA A 293 -19.26 7.40 8.68
C ALA A 293 -18.83 8.64 9.41
N ASP A 294 -18.34 8.47 10.63
CA ASP A 294 -17.87 9.60 11.42
C ASP A 294 -16.75 10.34 10.68
N LEU A 295 -15.77 9.60 10.16
CA LEU A 295 -14.66 10.21 9.43
C LEU A 295 -14.98 10.51 7.98
N GLY A 296 -15.95 9.83 7.37
CA GLY A 296 -16.22 10.04 5.97
C GLY A 296 -15.47 9.13 5.02
N ILE A 297 -15.01 7.96 5.46
CA ILE A 297 -14.34 7.01 4.59
C ILE A 297 -15.13 5.70 4.55
N TYR A 298 -15.28 5.17 3.33
CA TYR A 298 -16.13 4.04 3.01
C TYR A 298 -15.33 3.06 2.16
N VAL A 299 -15.57 1.77 2.36
CA VAL A 299 -14.82 0.72 1.69
C VAL A 299 -15.79 -0.24 1.02
N CYS A 300 -15.51 -0.59 -0.23
CA CYS A 300 -16.39 -1.49 -0.97
C CYS A 300 -15.52 -2.31 -1.93
N GLY A 301 -16.12 -3.36 -2.48
CA GLY A 301 -15.42 -4.30 -3.33
C GLY A 301 -16.15 -5.63 -3.36
N ASP A 302 -15.82 -6.43 -4.39
CA ASP A 302 -16.44 -7.75 -4.51
C ASP A 302 -16.20 -8.56 -3.25
N TRP A 303 -15.03 -8.38 -2.64
CA TRP A 303 -14.68 -9.12 -1.45
C TRP A 303 -15.51 -8.71 -0.23
N CYS A 304 -16.29 -7.63 -0.29
CA CYS A 304 -17.23 -7.39 0.82
C CYS A 304 -18.42 -8.34 0.78
N LEU A 305 -18.60 -9.04 -0.34
CA LEU A 305 -19.73 -9.92 -0.56
C LEU A 305 -19.20 -11.17 -1.24
N SER A 306 -19.81 -11.55 -2.37
CA SER A 306 -19.62 -12.86 -2.98
C SER A 306 -18.36 -12.98 -3.82
N GLY A 307 -17.64 -11.91 -4.10
CA GLY A 307 -16.51 -12.06 -4.99
C GLY A 307 -16.86 -12.27 -6.45
N ARG A 308 -18.04 -11.89 -6.87
CA ARG A 308 -18.45 -11.91 -8.26
C ARG A 308 -18.77 -10.48 -8.70
N VAL A 309 -19.08 -10.30 -9.99
CA VAL A 309 -19.48 -8.99 -10.48
C VAL A 309 -20.67 -8.45 -9.67
N GLU A 310 -21.66 -9.30 -9.43
CA GLU A 310 -22.83 -8.89 -8.65
C GLU A 310 -22.43 -8.38 -7.28
N GLY A 311 -21.49 -9.06 -6.64
CA GLY A 311 -21.05 -8.61 -5.35
C GLY A 311 -20.42 -7.24 -5.43
N ALA A 312 -19.52 -7.05 -6.38
CA ALA A 312 -18.90 -5.74 -6.51
C ALA A 312 -19.95 -4.65 -6.71
N TRP A 313 -20.93 -4.90 -7.59
CA TRP A 313 -21.92 -3.86 -7.86
C TRP A 313 -22.72 -3.55 -6.61
N LEU A 314 -23.16 -4.60 -5.91
CA LEU A 314 -23.95 -4.40 -4.69
C LEU A 314 -23.15 -3.66 -3.63
N SER A 315 -21.84 -3.96 -3.52
CA SER A 315 -21.00 -3.31 -2.53
C SER A 315 -20.86 -1.82 -2.82
N GLY A 316 -20.66 -1.47 -4.08
CA GLY A 316 -20.57 -0.07 -4.43
C GLY A 316 -21.85 0.66 -4.10
N GLN A 317 -22.99 0.03 -4.38
CA GLN A 317 -24.28 0.64 -4.07
C GLN A 317 -24.43 0.87 -2.56
N GLU A 318 -24.06 -0.13 -1.74
CA GLU A 318 -24.19 -0.02 -0.29
C GLU A 318 -23.27 1.06 0.27
N ALA A 319 -22.05 1.16 -0.25
CA ALA A 319 -21.16 2.23 0.17
C ALA A 319 -21.79 3.60 -0.11
N ALA A 320 -22.33 3.79 -1.30
CA ALA A 320 -22.88 5.08 -1.67
C ALA A 320 -24.14 5.39 -0.89
N ARG A 321 -24.94 4.36 -0.62
CA ARG A 321 -26.15 4.53 0.18
C ARG A 321 -25.80 5.03 1.57
N ARG A 322 -24.78 4.47 2.18
CA ARG A 322 -24.42 4.91 3.52
C ARG A 322 -23.88 6.31 3.50
N LEU A 323 -23.01 6.62 2.53
CA LEU A 323 -22.48 7.97 2.40
C LEU A 323 -23.60 8.95 2.22
N LEU A 324 -24.56 8.61 1.37
CA LEU A 324 -25.64 9.56 1.10
C LEU A 324 -26.46 9.86 2.35
N GLU A 325 -26.73 8.82 3.16
CA GLU A 325 -27.47 9.07 4.39
C GLU A 325 -26.77 10.11 5.25
N HIS A 326 -25.45 9.95 5.40
CA HIS A 326 -24.70 10.75 6.35
C HIS A 326 -24.43 12.15 5.82
N LEU A 327 -24.20 12.31 4.52
CA LEU A 327 -24.17 13.64 3.92
C LEU A 327 -25.35 14.46 4.40
N GLN A 328 -26.52 13.85 4.38
CA GLN A 328 -27.72 14.49 4.89
C GLN A 328 -27.88 14.18 6.36
N VAL B 3 21.12 -17.13 -2.42
CA VAL B 3 19.97 -16.24 -2.69
C VAL B 3 19.77 -15.25 -1.51
N PRO B 4 19.77 -13.96 -1.77
CA PRO B 4 19.80 -12.99 -0.67
C PRO B 4 18.47 -12.79 0.05
N ILE B 5 18.56 -12.13 1.21
CA ILE B 5 17.39 -11.67 1.98
C ILE B 5 17.06 -10.24 1.57
N ALA B 6 15.81 -10.01 1.22
CA ALA B 6 15.37 -8.66 0.91
C ALA B 6 15.00 -7.94 2.19
N ILE B 7 15.42 -6.68 2.29
CA ILE B 7 15.06 -5.80 3.40
C ILE B 7 14.43 -4.56 2.79
N ILE B 8 13.20 -4.29 3.15
CA ILE B 8 12.44 -3.20 2.59
C ILE B 8 12.39 -2.12 3.66
N GLY B 9 13.19 -1.08 3.47
CA GLY B 9 13.28 0.13 4.31
C GLY B 9 14.71 0.21 4.79
N THR B 10 15.29 1.42 4.67
CA THR B 10 16.65 1.66 5.08
C THR B 10 16.70 2.69 6.19
N GLY B 11 15.66 2.74 7.01
CA GLY B 11 15.76 3.34 8.31
C GLY B 11 16.63 2.49 9.24
N ILE B 12 16.71 2.91 10.50
CA ILE B 12 17.60 2.24 11.42
C ILE B 12 17.12 0.82 11.70
N ALA B 13 15.81 0.56 11.64
CA ALA B 13 15.35 -0.82 11.86
C ALA B 13 15.86 -1.75 10.76
N GLY B 14 15.67 -1.34 9.51
CA GLY B 14 16.09 -2.18 8.41
C GLY B 14 17.59 -2.35 8.37
N LEU B 15 18.34 -1.27 8.63
CA LEU B 15 19.78 -1.39 8.57
C LEU B 15 20.34 -2.16 9.76
N SER B 16 19.68 -2.06 10.91
CA SER B 16 20.05 -2.90 12.05
C SER B 16 19.89 -4.37 11.72
N ALA B 17 18.75 -4.75 11.16
CA ALA B 17 18.58 -6.11 10.64
C ALA B 17 19.68 -6.44 9.65
N ALA B 18 19.93 -5.54 8.70
CA ALA B 18 20.96 -5.76 7.71
C ALA B 18 22.29 -6.10 8.38
N GLN B 19 22.69 -5.30 9.39
CA GLN B 19 24.00 -5.50 10.02
C GLN B 19 24.07 -6.83 10.73
N ALA B 20 23.04 -7.16 11.52
CA ALA B 20 22.97 -8.44 12.20
C ALA B 20 23.03 -9.59 11.20
N LEU B 21 22.31 -9.49 10.09
CA LEU B 21 22.36 -10.59 9.12
C LEU B 21 23.73 -10.70 8.46
N THR B 22 24.32 -9.57 8.10
CA THR B 22 25.61 -9.61 7.42
C THR B 22 26.73 -10.01 8.37
N SER B 23 26.65 -9.62 9.63
CA SER B 23 27.63 -10.09 10.60
C SER B 23 27.60 -11.61 10.75
N ALA B 24 26.46 -12.23 10.44
CA ALA B 24 26.27 -13.67 10.53
C ALA B 24 26.63 -14.40 9.26
N GLY B 25 27.11 -13.68 8.24
CA GLY B 25 27.54 -14.30 7.01
C GLY B 25 26.49 -14.34 5.92
N HIS B 26 25.39 -13.63 6.10
CA HIS B 26 24.27 -13.74 5.16
C HIS B 26 24.18 -12.48 4.31
N GLN B 27 23.88 -12.65 3.03
CA GLN B 27 23.78 -11.54 2.08
C GLN B 27 22.39 -10.94 2.12
N VAL B 28 22.32 -9.64 1.95
CA VAL B 28 21.05 -8.94 1.96
C VAL B 28 21.00 -8.06 0.72
N HIS B 29 19.79 -7.61 0.42
CA HIS B 29 19.61 -6.55 -0.56
C HIS B 29 18.59 -5.59 -0.02
N LEU B 30 18.94 -4.31 -0.01
CA LEU B 30 18.12 -3.28 0.60
C LEU B 30 17.32 -2.54 -0.47
N PHE B 31 16.07 -2.22 -0.15
CA PHE B 31 15.22 -1.36 -0.98
C PHE B 31 14.74 -0.17 -0.18
N ASP B 32 14.64 0.97 -0.86
CA ASP B 32 13.99 2.13 -0.30
C ASP B 32 13.40 2.97 -1.41
N LYS B 33 12.21 3.49 -1.15
CA LYS B 33 11.55 4.38 -2.06
C LYS B 33 12.21 5.76 -2.09
N SER B 34 12.95 6.13 -1.05
CA SER B 34 13.64 7.41 -1.08
C SER B 34 14.92 7.31 -1.90
N ARG B 35 15.49 8.48 -2.19
CA ARG B 35 16.78 8.59 -2.86
C ARG B 35 17.94 8.16 -1.99
N GLY B 36 17.77 8.18 -0.66
CA GLY B 36 18.79 7.67 0.23
C GLY B 36 18.19 7.04 1.46
N SER B 37 19.08 6.62 2.37
CA SER B 37 18.72 5.88 3.56
C SER B 37 18.53 6.82 4.76
N GLY B 38 18.09 6.24 5.89
CA GLY B 38 17.91 6.97 7.13
C GLY B 38 16.46 7.13 7.57
N GLY B 39 15.52 7.12 6.64
CA GLY B 39 14.13 7.29 6.97
C GLY B 39 13.91 8.47 7.87
N ARG B 40 13.31 8.23 9.03
CA ARG B 40 13.00 9.34 9.91
C ARG B 40 14.23 9.88 10.63
N MET B 41 15.38 9.24 10.47
CA MET B 41 16.65 9.79 10.95
C MET B 41 17.40 10.55 9.85
N SER B 42 16.69 11.20 8.94
CA SER B 42 17.34 11.88 7.83
C SER B 42 17.63 13.35 8.13
N SER B 43 18.82 13.78 7.71
CA SER B 43 19.22 15.18 7.75
C SER B 43 19.00 15.81 6.38
N LYS B 44 18.46 17.02 6.37
CA LYS B 44 18.30 17.77 5.13
C LYS B 44 19.47 18.74 4.95
N ARG B 45 19.99 18.81 3.73
CA ARG B 45 21.16 19.63 3.47
C ARG B 45 20.84 21.10 3.21
N SER B 50 23.13 22.11 7.62
CA SER B 50 22.59 20.75 7.74
C SER B 50 21.60 20.64 8.90
N LEU B 51 20.43 20.10 8.60
CA LEU B 51 19.27 20.18 9.48
C LEU B 51 18.71 18.81 9.77
N ASP B 52 18.64 18.46 11.05
CA ASP B 52 17.94 17.26 11.50
C ASP B 52 16.44 17.54 11.55
N MET B 53 15.69 17.09 10.55
CA MET B 53 14.28 17.41 10.47
C MET B 53 13.39 16.34 11.08
N GLY B 54 13.91 15.13 11.27
CA GLY B 54 13.18 14.10 11.94
C GLY B 54 13.66 13.92 13.36
N ALA B 55 14.10 12.70 13.68
CA ALA B 55 14.67 12.46 14.99
C ALA B 55 15.67 13.58 15.34
N GLN B 56 15.58 14.05 16.56
CA GLN B 56 16.37 15.18 17.07
C GLN B 56 17.55 14.74 17.90
N TYR B 57 17.35 13.71 18.69
CA TYR B 57 18.36 13.18 19.58
C TYR B 57 17.81 11.81 19.94
N PHE B 58 18.60 11.00 20.61
CA PHE B 58 18.04 9.78 21.14
C PHE B 58 18.72 9.44 22.45
N THR B 59 17.99 8.71 23.26
CA THR B 59 18.49 8.19 24.52
C THR B 59 18.77 6.71 24.34
N ALA B 60 19.73 6.19 25.12
CA ALA B 60 20.00 4.77 25.23
C ALA B 60 19.63 4.32 26.63
N ARG B 61 18.65 3.44 26.73
CA ARG B 61 18.24 2.88 28.01
C ARG B 61 18.50 1.39 28.09
N ASP B 62 18.51 0.71 26.95
CA ASP B 62 18.81 -0.71 26.83
C ASP B 62 20.31 -0.90 26.69
N ARG B 63 20.88 -1.82 27.47
CA ARG B 63 22.35 -1.96 27.48
C ARG B 63 22.89 -2.38 26.13
N ARG B 64 22.15 -3.25 25.41
CA ARG B 64 22.59 -3.65 24.08
C ARG B 64 22.65 -2.45 23.14
N PHE B 65 21.63 -1.59 23.15
CA PHE B 65 21.65 -0.43 22.26
C PHE B 65 22.74 0.55 22.67
N ALA B 66 22.91 0.77 23.98
CA ALA B 66 24.01 1.59 24.47
C ALA B 66 25.34 1.15 23.91
N THR B 67 25.60 -0.16 23.94
CA THR B 67 26.85 -0.68 23.40
C THR B 67 27.04 -0.27 21.94
N ALA B 68 25.98 -0.33 21.13
CA ALA B 68 26.10 0.08 19.73
C ALA B 68 26.38 1.57 19.63
N VAL B 69 25.69 2.39 20.44
CA VAL B 69 25.92 3.82 20.44
C VAL B 69 27.37 4.13 20.75
N LYS B 70 27.92 3.51 21.79
CA LYS B 70 29.33 3.74 22.13
C LYS B 70 30.26 3.32 21.01
N GLN B 71 29.93 2.26 20.26
CA GLN B 71 30.74 1.92 19.09
C GLN B 71 30.64 2.99 18.04
N TRP B 72 29.42 3.48 17.80
CA TRP B 72 29.26 4.58 16.87
C TRP B 72 30.04 5.78 17.34
N GLN B 73 30.03 6.05 18.65
CA GLN B 73 30.74 7.19 19.23
C GLN B 73 32.23 7.05 19.04
N ALA B 74 32.77 5.84 19.25
CA ALA B 74 34.19 5.60 18.98
C ALA B 74 34.48 5.80 17.50
N GLN B 75 33.54 5.44 16.62
CA GLN B 75 33.75 5.60 15.20
C GLN B 75 33.63 7.04 14.74
N GLY B 76 33.21 7.95 15.61
CA GLY B 76 33.05 9.34 15.23
C GLY B 76 31.69 9.72 14.67
N HIS B 77 30.71 8.82 14.70
CA HIS B 77 29.43 9.09 14.07
C HIS B 77 28.35 9.62 15.03
N VAL B 78 28.56 9.54 16.34
CA VAL B 78 27.64 10.18 17.27
C VAL B 78 28.44 10.92 18.32
N SER B 79 27.81 11.94 18.88
CA SER B 79 28.34 12.67 20.02
C SER B 79 27.24 12.81 21.06
N GLU B 80 27.64 12.95 22.31
CA GLU B 80 26.72 13.36 23.36
C GLU B 80 26.36 14.82 23.13
N TRP B 81 25.07 15.12 23.16
CA TRP B 81 24.55 16.47 23.02
C TRP B 81 24.23 17.01 24.41
N THR B 82 24.79 18.18 24.74
CA THR B 82 24.59 18.80 26.05
C THR B 82 23.98 20.20 25.87
N PRO B 83 22.74 20.27 25.40
CA PRO B 83 22.08 21.57 25.22
C PRO B 83 21.68 22.22 26.53
N LEU B 84 21.57 23.55 26.50
CA LEU B 84 20.85 24.27 27.56
C LEU B 84 19.37 24.06 27.28
N LEU B 85 18.75 23.20 28.08
CA LEU B 85 17.36 22.81 27.87
C LEU B 85 16.45 23.67 28.72
N TYR B 86 15.28 23.95 28.16
CA TYR B 86 14.25 24.79 28.73
C TYR B 86 12.91 24.09 28.67
N ASN B 87 11.98 24.64 29.40
CA ASN B 87 10.60 24.21 29.36
C ASN B 87 9.75 25.45 29.21
N PHE B 88 8.71 25.35 28.41
CA PHE B 88 7.73 26.43 28.30
C PHE B 88 6.40 25.89 28.80
N HIS B 89 5.97 26.38 29.96
CA HIS B 89 4.76 25.93 30.62
C HIS B 89 3.95 27.15 31.00
N GLY B 90 2.66 27.14 30.65
CA GLY B 90 1.76 28.20 31.03
C GLY B 90 2.29 29.60 30.78
N GLY B 91 2.76 29.86 29.55
CA GLY B 91 3.25 31.18 29.23
C GLY B 91 4.60 31.54 29.79
N ARG B 92 5.27 30.64 30.50
CA ARG B 92 6.56 30.93 31.10
C ARG B 92 7.65 29.95 30.63
N LEU B 93 8.77 30.53 30.20
CA LEU B 93 9.93 29.85 29.68
C LEU B 93 10.95 29.72 30.80
N SER B 94 11.30 28.50 31.17
CA SER B 94 12.24 28.37 32.28
C SER B 94 13.31 27.33 31.96
N PRO B 95 14.50 27.46 32.56
CA PRO B 95 15.52 26.44 32.35
C PRO B 95 15.05 25.09 32.87
N SER B 96 15.46 24.02 32.17
CA SER B 96 15.02 22.68 32.56
C SER B 96 16.14 21.65 32.44
N PRO B 97 17.28 21.89 33.08
CA PRO B 97 18.35 20.90 33.05
C PRO B 97 17.89 19.62 33.75
N ASP B 98 18.49 18.49 33.34
CA ASP B 98 18.10 17.21 33.90
C ASP B 98 19.29 16.27 33.91
N GLU B 99 19.02 14.99 34.22
CA GLU B 99 20.04 13.97 34.38
C GLU B 99 20.03 12.95 33.26
N GLN B 100 19.50 13.30 32.09
CA GLN B 100 19.40 12.39 30.96
C GLN B 100 20.51 12.68 29.96
N VAL B 101 21.16 11.64 29.48
CA VAL B 101 22.16 11.77 28.43
C VAL B 101 21.49 11.65 27.08
N ARG B 102 21.84 12.55 26.17
CA ARG B 102 21.22 12.61 24.86
C ARG B 102 22.30 12.57 23.77
N TRP B 103 22.09 11.70 22.78
CA TRP B 103 23.02 11.47 21.69
C TRP B 103 22.49 12.06 20.40
N VAL B 104 23.39 12.55 19.57
CA VAL B 104 23.04 12.94 18.21
C VAL B 104 24.08 12.40 17.25
N GLY B 105 23.65 12.24 16.01
CA GLY B 105 24.59 11.94 14.95
C GLY B 105 25.46 13.15 14.66
N GLU B 106 26.65 12.88 14.17
CA GLU B 106 27.64 13.90 13.89
C GLU B 106 28.29 13.45 12.59
N PRO B 107 28.34 14.30 11.57
CA PRO B 107 27.94 15.70 11.60
C PRO B 107 26.43 15.91 11.56
N GLY B 108 25.69 14.87 11.22
CA GLY B 108 24.24 14.96 11.22
C GLY B 108 23.62 13.64 11.63
N MET B 109 22.34 13.70 11.95
CA MET B 109 21.64 12.50 12.37
C MET B 109 21.73 11.40 11.32
N SER B 110 21.93 11.73 10.06
CA SER B 110 21.99 10.73 9.00
C SER B 110 23.30 9.95 9.00
N ALA B 111 24.36 10.50 9.57
CA ALA B 111 25.64 9.82 9.53
C ALA B 111 25.57 8.45 10.19
N ILE B 112 24.63 8.24 11.11
CA ILE B 112 24.52 6.95 11.80
C ILE B 112 24.04 5.89 10.83
N THR B 113 22.92 6.15 10.18
CA THR B 113 22.40 5.20 9.23
C THR B 113 23.32 5.07 8.03
N ARG B 114 23.99 6.15 7.63
CA ARG B 114 24.87 6.03 6.46
C ARG B 114 26.01 5.05 6.76
N ALA B 115 26.60 5.16 7.95
CA ALA B 115 27.70 4.28 8.34
C ALA B 115 27.23 2.83 8.45
N MET B 116 25.99 2.63 8.89
CA MET B 116 25.46 1.28 9.04
C MET B 116 25.24 0.62 7.70
N ARG B 117 24.74 1.39 6.73
CA ARG B 117 24.49 0.85 5.40
C ARG B 117 25.80 0.45 4.71
N GLY B 118 26.85 1.26 4.90
CA GLY B 118 28.14 0.99 4.27
C GLY B 118 28.03 0.76 2.78
N ASP B 119 28.64 -0.34 2.33
CA ASP B 119 28.66 -0.72 0.92
C ASP B 119 27.66 -1.81 0.60
N LEU B 120 26.68 -2.02 1.47
CA LEU B 120 25.70 -3.08 1.28
C LEU B 120 24.86 -2.83 0.02
N PRO B 121 24.45 -3.90 -0.68
CA PRO B 121 23.63 -3.73 -1.89
C PRO B 121 22.30 -3.07 -1.56
N VAL B 122 21.94 -2.07 -2.37
CA VAL B 122 20.75 -1.26 -2.09
C VAL B 122 20.15 -0.79 -3.41
N SER B 123 18.83 -0.77 -3.47
CA SER B 123 18.12 -0.16 -4.58
C SER B 123 17.32 1.02 -4.06
N PHE B 124 17.74 2.23 -4.42
CA PHE B 124 17.04 3.44 -4.01
C PHE B 124 15.99 3.85 -5.06
N SER B 125 15.14 4.80 -4.66
CA SER B 125 14.06 5.26 -5.52
C SER B 125 13.24 4.07 -6.01
N CYS B 126 13.07 3.09 -5.15
CA CYS B 126 12.44 1.83 -5.51
C CYS B 126 11.32 1.57 -4.51
N ARG B 127 10.12 2.01 -4.86
CA ARG B 127 8.95 1.82 -4.00
C ARG B 127 8.34 0.44 -4.23
N ILE B 128 8.44 -0.43 -3.22
CA ILE B 128 7.85 -1.76 -3.32
C ILE B 128 6.34 -1.66 -3.08
N THR B 129 5.54 -2.28 -3.96
CA THR B 129 4.09 -2.24 -3.83
C THR B 129 3.44 -3.59 -3.55
N ASP B 130 4.08 -4.70 -3.91
CA ASP B 130 3.59 -6.04 -3.56
C ASP B 130 4.77 -6.97 -3.29
N VAL B 131 4.54 -7.94 -2.40
CA VAL B 131 5.53 -8.91 -1.94
C VAL B 131 4.81 -10.24 -1.95
N PHE B 132 5.33 -11.21 -2.68
CA PHE B 132 4.67 -12.49 -2.81
C PHE B 132 5.72 -13.55 -3.02
N ARG B 133 5.37 -14.77 -2.71
CA ARG B 133 6.30 -15.85 -2.96
C ARG B 133 5.66 -16.91 -3.83
N GLY B 134 6.50 -17.52 -4.65
CA GLY B 134 6.16 -18.76 -5.33
C GLY B 134 6.46 -19.92 -4.41
N GLU B 135 6.58 -21.11 -5.00
CA GLU B 135 6.85 -22.28 -4.19
C GLU B 135 8.24 -22.23 -3.56
N GLN B 136 9.18 -21.52 -4.18
CA GLN B 136 10.57 -21.50 -3.74
C GLN B 136 10.89 -20.20 -3.00
N HIS B 137 10.81 -19.09 -3.71
CA HIS B 137 11.43 -17.85 -3.35
C HIS B 137 10.37 -16.77 -3.21
N TRP B 138 10.77 -15.67 -2.57
CA TRP B 138 10.02 -14.44 -2.45
C TRP B 138 10.32 -13.52 -3.63
N ASN B 139 9.39 -12.63 -3.92
CA ASN B 139 9.52 -11.68 -5.03
C ASN B 139 8.87 -10.36 -4.64
N LEU B 140 9.42 -9.26 -5.16
CA LEU B 140 8.88 -7.92 -4.91
C LEU B 140 8.49 -7.28 -6.23
N LEU B 141 7.38 -6.57 -6.22
CA LEU B 141 6.95 -5.74 -7.32
C LEU B 141 7.17 -4.30 -6.91
N ASP B 142 7.75 -3.48 -7.80
CA ASP B 142 7.87 -2.08 -7.49
C ASP B 142 6.80 -1.29 -8.24
N ALA B 143 6.72 0.01 -7.92
CA ALA B 143 5.72 0.87 -8.54
C ALA B 143 5.88 0.98 -10.03
N GLU B 144 7.03 0.58 -10.59
CA GLU B 144 7.21 0.53 -12.02
C GLU B 144 6.79 -0.81 -12.59
N SER B 145 6.22 -1.68 -11.76
CA SER B 145 5.84 -3.03 -12.18
C SER B 145 7.05 -3.91 -12.49
N GLU B 146 8.21 -3.58 -11.96
CA GLU B 146 9.41 -4.38 -12.19
C GLU B 146 9.54 -5.39 -11.07
N ASN B 147 9.81 -6.64 -11.43
CA ASN B 147 10.06 -7.69 -10.46
C ASN B 147 11.46 -7.61 -9.90
N HIS B 148 11.60 -7.85 -8.60
CA HIS B 148 12.88 -8.03 -7.96
C HIS B 148 12.86 -9.35 -7.22
N GLY B 149 13.95 -10.11 -7.34
CA GLY B 149 14.07 -11.39 -6.70
C GLY B 149 14.85 -12.30 -7.62
N PRO B 150 14.98 -13.59 -7.28
CA PRO B 150 14.42 -14.30 -6.13
C PRO B 150 15.06 -13.92 -4.79
N PHE B 151 14.28 -13.95 -3.70
CA PHE B 151 14.82 -13.74 -2.37
C PHE B 151 14.41 -14.88 -1.46
N SER B 152 15.31 -15.22 -0.53
CA SER B 152 15.09 -16.38 0.32
C SER B 152 14.10 -16.05 1.43
N HIS B 153 14.12 -14.81 1.90
CA HIS B 153 13.28 -14.33 2.97
C HIS B 153 13.09 -12.84 2.75
N VAL B 154 12.13 -12.27 3.46
CA VAL B 154 11.83 -10.85 3.36
C VAL B 154 11.63 -10.29 4.75
N ILE B 155 12.27 -9.17 5.00
CA ILE B 155 12.10 -8.37 6.20
C ILE B 155 11.49 -7.04 5.80
N ILE B 156 10.32 -6.75 6.37
CA ILE B 156 9.64 -5.47 6.16
C ILE B 156 10.06 -4.54 7.30
N ALA B 157 10.66 -3.40 6.94
CA ALA B 157 11.19 -2.45 7.92
C ALA B 157 10.64 -1.03 7.68
N THR B 158 9.29 -0.88 7.59
CA THR B 158 8.64 0.42 7.33
C THR B 158 7.67 0.81 8.43
N PRO B 159 7.21 2.06 8.51
CA PRO B 159 6.07 2.37 9.38
C PRO B 159 4.92 1.40 9.10
N ALA B 160 4.20 1.05 10.17
CA ALA B 160 3.17 0.00 10.12
C ALA B 160 2.16 0.23 9.01
N PRO B 161 1.64 1.44 8.80
CA PRO B 161 0.62 1.62 7.74
C PRO B 161 1.16 1.32 6.38
N GLN B 162 2.45 1.56 6.18
CA GLN B 162 3.13 1.25 4.95
C GLN B 162 3.56 -0.21 4.84
N ALA B 163 3.58 -0.94 5.95
CA ALA B 163 3.92 -2.35 5.90
C ALA B 163 2.72 -3.24 5.54
N THR B 164 1.50 -2.78 5.83
CA THR B 164 0.33 -3.63 5.63
C THR B 164 0.18 -4.04 4.18
N ALA B 165 0.43 -3.11 3.25
CA ALA B 165 0.29 -3.46 1.86
C ALA B 165 1.31 -4.50 1.41
N LEU B 166 2.41 -4.66 2.13
CA LEU B 166 3.45 -5.62 1.77
C LEU B 166 3.25 -6.98 2.43
N LEU B 167 2.18 -7.16 3.22
CA LEU B 167 1.98 -8.37 3.99
C LEU B 167 0.81 -9.21 3.51
N ALA B 168 0.39 -9.00 2.28
CA ALA B 168 -0.77 -9.72 1.78
C ALA B 168 -0.53 -11.21 1.77
N ALA B 169 0.74 -11.63 1.68
CA ALA B 169 0.99 -13.07 1.75
C ALA B 169 0.73 -13.62 3.14
N ALA B 170 0.58 -12.76 4.15
CA ALA B 170 0.39 -13.21 5.53
C ALA B 170 -0.72 -12.39 6.16
N PRO B 171 -1.97 -12.69 5.81
CA PRO B 171 -3.09 -11.85 6.28
C PRO B 171 -3.20 -11.73 7.80
N LYS B 172 -2.88 -12.78 8.55
CA LYS B 172 -2.94 -12.67 10.01
C LYS B 172 -1.96 -11.61 10.51
N LEU B 173 -0.72 -11.62 10.00
CA LEU B 173 0.24 -10.58 10.34
C LEU B 173 -0.25 -9.22 9.88
N ALA B 174 -0.79 -9.18 8.67
CA ALA B 174 -1.27 -7.92 8.11
C ALA B 174 -2.28 -7.28 9.04
N SER B 175 -3.25 -8.07 9.54
CA SER B 175 -4.32 -7.51 10.40
C SER B 175 -3.75 -7.00 11.71
N VAL B 176 -2.70 -7.63 12.23
CA VAL B 176 -2.04 -7.10 13.42
C VAL B 176 -1.36 -5.77 13.09
N VAL B 177 -0.55 -5.76 12.04
CA VAL B 177 0.21 -4.56 11.70
C VAL B 177 -0.73 -3.41 11.42
N ALA B 178 -1.88 -3.72 10.84
CA ALA B 178 -2.80 -2.70 10.38
C ALA B 178 -3.46 -1.98 11.55
N GLY B 179 -3.44 -2.56 12.74
CA GLY B 179 -4.10 -1.91 13.84
C GLY B 179 -3.23 -0.88 14.50
N VAL B 180 -1.98 -0.75 14.06
CA VAL B 180 -0.99 0.10 14.71
C VAL B 180 -1.15 1.52 14.17
N LYS B 181 -1.67 2.40 15.01
CA LYS B 181 -1.84 3.80 14.66
C LYS B 181 -0.52 4.56 14.77
N MET B 182 -0.22 5.34 13.75
CA MET B 182 0.88 6.29 13.81
C MET B 182 0.39 7.73 13.69
N ASP B 183 1.04 8.65 14.51
CA ASP B 183 0.69 10.06 14.52
C ASP B 183 1.61 10.86 13.60
N PRO B 184 1.09 11.92 13.02
CA PRO B 184 1.88 12.81 12.18
C PRO B 184 2.57 13.91 12.98
N THR B 185 3.63 14.43 12.40
CA THR B 185 4.31 15.62 12.90
C THR B 185 4.64 16.56 11.76
N TRP B 186 4.25 17.81 11.90
CA TRP B 186 4.82 18.85 11.09
C TRP B 186 6.09 19.36 11.74
N ALA B 187 7.17 19.40 10.96
CA ALA B 187 8.45 19.95 11.34
C ALA B 187 8.76 21.20 10.52
N VAL B 188 9.33 22.23 11.18
CA VAL B 188 9.70 23.49 10.53
C VAL B 188 11.12 23.85 10.95
N ALA B 189 11.92 24.28 9.98
CA ALA B 189 13.25 24.80 10.25
C ALA B 189 13.26 26.28 9.92
N LEU B 190 13.83 27.09 10.83
CA LEU B 190 14.02 28.51 10.60
C LEU B 190 15.46 28.89 10.87
N ALA B 191 15.93 29.94 10.19
CA ALA B 191 17.28 30.42 10.42
C ALA B 191 17.29 31.94 10.42
N PHE B 192 18.10 32.51 11.31
CA PHE B 192 18.17 33.94 11.55
C PHE B 192 19.58 34.46 11.28
N GLU B 193 19.67 35.70 10.76
CA GLU B 193 20.96 36.26 10.37
C GLU B 193 21.85 36.43 11.59
N THR B 194 21.31 36.94 12.68
CA THR B 194 22.06 37.10 13.91
C THR B 194 21.48 36.18 14.98
N PRO B 195 22.32 35.45 15.69
CA PRO B 195 21.81 34.47 16.66
C PRO B 195 20.85 35.09 17.67
N LEU B 196 19.81 34.34 18.01
CA LEU B 196 18.84 34.84 18.97
C LEU B 196 19.52 35.05 20.32
N GLN B 197 19.18 36.15 20.98
CA GLN B 197 19.86 36.55 22.22
C GLN B 197 19.22 35.85 23.42
N THR B 198 19.35 34.53 23.41
CA THR B 198 18.83 33.67 24.44
C THR B 198 19.87 32.57 24.64
N PRO B 199 20.09 32.10 25.86
CA PRO B 199 20.97 30.94 26.03
C PRO B 199 20.32 29.64 25.58
N MET B 200 18.99 29.58 25.51
CA MET B 200 18.28 28.34 25.21
C MET B 200 18.81 27.67 23.94
N GLN B 201 18.95 26.36 24.02
CA GLN B 201 19.30 25.52 22.88
C GLN B 201 18.30 24.41 22.62
N GLY B 202 17.41 24.13 23.57
CA GLY B 202 16.36 23.14 23.39
C GLY B 202 15.23 23.48 24.33
N CYS B 203 14.00 23.06 23.96
CA CYS B 203 12.84 23.41 24.76
C CYS B 203 11.77 22.36 24.62
N PHE B 204 11.29 21.87 25.75
CA PHE B 204 10.09 21.06 25.81
C PHE B 204 8.92 22.03 25.96
N VAL B 205 7.92 21.93 25.07
CA VAL B 205 6.90 22.96 24.98
C VAL B 205 5.54 22.36 25.30
N GLN B 206 4.78 23.05 26.16
CA GLN B 206 3.38 22.72 26.45
C GLN B 206 2.47 23.91 26.12
N ASP B 207 1.19 23.60 25.94
CA ASP B 207 0.17 24.62 25.78
C ASP B 207 0.44 25.43 24.52
N SER B 208 0.90 24.74 23.49
CA SER B 208 1.34 25.40 22.27
C SER B 208 1.15 24.48 21.10
N PRO B 209 1.00 25.00 19.89
CA PRO B 209 1.19 24.17 18.70
C PRO B 209 2.51 23.43 18.72
N LEU B 210 3.55 24.04 19.29
CA LEU B 210 4.85 23.37 19.33
C LEU B 210 4.91 22.38 20.48
N ASP B 211 5.55 21.24 20.20
CA ASP B 211 5.96 20.19 21.13
C ASP B 211 7.41 20.41 21.61
N TRP B 212 8.27 20.88 20.70
CA TRP B 212 9.70 20.73 20.84
C TRP B 212 10.40 21.67 19.88
N LEU B 213 11.54 22.18 20.31
CA LEU B 213 12.39 22.94 19.41
C LEU B 213 13.84 22.77 19.84
N ALA B 214 14.73 22.79 18.85
CA ALA B 214 16.15 22.59 19.09
C ALA B 214 16.91 23.62 18.27
N ARG B 215 18.06 24.06 18.80
CA ARG B 215 18.96 24.99 18.14
C ARG B 215 20.05 24.17 17.46
N ASN B 216 20.08 24.21 16.13
CA ASN B 216 21.02 23.35 15.40
C ASN B 216 22.46 23.61 15.82
N ARG B 217 22.89 24.88 15.80
CA ARG B 217 24.30 25.18 16.00
C ARG B 217 24.82 24.71 17.36
N SER B 218 23.94 24.24 18.25
CA SER B 218 24.38 23.77 19.55
C SER B 218 24.67 22.28 19.55
N LYS B 219 24.46 21.59 18.38
CA LYS B 219 24.84 20.18 18.24
C LYS B 219 26.30 20.09 17.81
N PRO B 220 27.07 19.14 18.35
CA PRO B 220 28.50 19.08 18.05
C PRO B 220 28.81 18.85 16.58
N LEU B 226 24.93 30.95 10.66
CA LEU B 226 23.49 31.18 10.76
C LEU B 226 22.88 30.41 11.92
N ASP B 227 22.01 31.08 12.66
CA ASP B 227 21.39 30.48 13.84
C ASP B 227 20.11 29.82 13.41
N SER B 228 20.17 28.50 13.19
CA SER B 228 19.06 27.72 12.69
C SER B 228 18.43 26.86 13.79
N TRP B 229 17.12 26.64 13.65
CA TRP B 229 16.29 26.02 14.67
C TRP B 229 15.32 25.07 14.00
N VAL B 230 15.06 23.93 14.63
CA VAL B 230 14.03 22.99 14.19
C VAL B 230 12.87 23.03 15.17
N LEU B 231 11.66 23.08 14.63
CA LEU B 231 10.43 23.15 15.41
C LEU B 231 9.58 21.92 15.07
N HIS B 232 9.11 21.21 16.09
CA HIS B 232 8.17 20.12 15.90
C HIS B 232 6.85 20.48 16.56
N ALA B 233 5.79 20.40 15.78
CA ALA B 233 4.45 20.60 16.28
C ALA B 233 3.97 19.32 16.98
N THR B 234 3.01 19.52 17.89
CA THR B 234 2.34 18.40 18.54
C THR B 234 1.63 17.55 17.48
N SER B 235 1.41 16.29 17.82
CA SER B 235 0.64 15.46 16.90
C SER B 235 -0.80 15.97 16.82
N GLN B 236 -1.32 16.52 17.92
CA GLN B 236 -2.66 17.07 17.89
C GLN B 236 -2.76 18.22 16.90
N TRP B 237 -1.81 19.15 16.95
CA TRP B 237 -1.88 20.30 16.05
C TRP B 237 -1.60 19.86 14.63
N SER B 238 -0.68 18.91 14.48
CA SER B 238 -0.33 18.39 13.15
C SER B 238 -1.54 17.74 12.48
N ARG B 239 -2.27 16.92 13.22
CA ARG B 239 -3.50 16.33 12.70
C ARG B 239 -4.52 17.39 12.33
N GLN B 240 -4.70 18.38 13.19
CA GLN B 240 -5.67 19.42 12.87
C GLN B 240 -5.25 20.25 11.67
N ASN B 241 -3.97 20.25 11.30
CA ASN B 241 -3.47 21.05 10.19
C ASN B 241 -2.75 20.17 9.18
N LEU B 242 -3.14 18.91 9.12
CA LEU B 242 -2.40 17.94 8.31
C LEU B 242 -2.37 18.32 6.84
N ASP B 243 -3.38 19.04 6.36
CA ASP B 243 -3.44 19.44 4.96
C ASP B 243 -3.17 20.92 4.76
N ALA B 244 -2.67 21.61 5.79
CA ALA B 244 -2.27 23.00 5.61
C ALA B 244 -1.13 23.12 4.59
N SER B 245 -1.00 24.28 3.94
CA SER B 245 0.15 24.46 3.08
C SER B 245 1.44 24.64 3.89
N ARG B 246 2.57 24.35 3.27
CA ARG B 246 3.85 24.55 3.94
C ARG B 246 3.99 25.99 4.43
N GLU B 247 3.62 26.97 3.59
CA GLU B 247 3.82 28.35 3.99
C GLU B 247 3.00 28.69 5.22
N GLN B 248 1.76 28.13 5.31
CA GLN B 248 0.92 28.35 6.48
C GLN B 248 1.54 27.73 7.72
N VAL B 249 2.05 26.49 7.59
CA VAL B 249 2.67 25.82 8.74
C VAL B 249 3.85 26.64 9.25
N ILE B 250 4.74 27.02 8.34
CA ILE B 250 5.87 27.89 8.68
C ILE B 250 5.35 29.10 9.44
N GLU B 251 4.29 29.71 8.92
CA GLU B 251 3.80 30.94 9.52
C GLU B 251 3.30 30.68 10.93
N HIS B 252 2.50 29.60 11.12
CA HIS B 252 1.91 29.37 12.43
C HIS B 252 2.96 28.95 13.43
N LEU B 253 3.97 28.20 12.99
CA LEU B 253 4.93 27.66 13.94
C LEU B 253 6.02 28.67 14.24
N HIS B 254 6.41 29.45 13.24
CA HIS B 254 7.21 30.64 13.52
C HIS B 254 6.50 31.53 14.55
N GLY B 255 5.19 31.76 14.36
CA GLY B 255 4.46 32.56 15.32
C GLY B 255 4.49 31.98 16.73
N ALA B 256 4.27 30.68 16.84
CA ALA B 256 4.30 30.03 18.15
C ALA B 256 5.68 30.17 18.78
N PHE B 257 6.72 30.11 17.97
CA PHE B 257 8.06 30.29 18.51
C PHE B 257 8.28 31.74 18.95
N ALA B 258 7.92 32.71 18.10
CA ALA B 258 8.03 34.11 18.50
C ALA B 258 7.22 34.41 19.77
N GLU B 259 6.11 33.70 19.98
CA GLU B 259 5.27 33.92 21.16
C GLU B 259 5.92 33.40 22.45
N LEU B 260 6.60 32.26 22.38
CA LEU B 260 7.16 31.69 23.61
C LEU B 260 8.54 32.22 23.94
N ILE B 261 9.33 32.63 22.95
CA ILE B 261 10.68 33.07 23.24
C ILE B 261 10.65 34.41 24.00
N ASP B 262 11.72 34.70 24.73
CA ASP B 262 11.80 35.87 25.62
C ASP B 262 13.00 36.76 25.28
N CYS B 263 13.27 36.90 23.99
CA CYS B 263 14.24 37.83 23.44
C CYS B 263 13.69 38.29 22.10
N ALA B 264 14.40 39.22 21.47
CA ALA B 264 14.01 39.64 20.13
C ALA B 264 13.98 38.43 19.22
N MET B 265 13.10 38.48 18.23
CA MET B 265 13.11 37.50 17.15
C MET B 265 12.84 38.24 15.86
N PRO B 266 13.88 38.71 15.17
CA PRO B 266 13.70 39.25 13.83
C PRO B 266 13.14 38.21 12.88
N ALA B 267 12.65 38.69 11.76
CA ALA B 267 12.16 37.78 10.73
C ALA B 267 13.26 36.79 10.38
N PRO B 268 12.93 35.52 10.17
CA PRO B 268 13.93 34.57 9.68
C PRO B 268 14.31 34.84 8.23
N VAL B 269 15.50 34.38 7.87
CA VAL B 269 16.07 34.56 6.55
C VAL B 269 16.04 33.28 5.74
N PHE B 270 15.50 32.22 6.30
CA PHE B 270 15.32 30.97 5.58
C PHE B 270 14.31 30.15 6.36
N SER B 271 13.46 29.42 5.65
CA SER B 271 12.44 28.62 6.33
C SER B 271 12.05 27.43 5.45
N LEU B 272 11.82 26.28 6.08
CA LEU B 272 11.37 25.08 5.42
C LEU B 272 10.37 24.34 6.31
N ALA B 273 9.46 23.61 5.68
CA ALA B 273 8.47 22.79 6.36
C ALA B 273 8.49 21.40 5.77
N HIS B 274 8.33 20.40 6.63
CA HIS B 274 8.23 19.03 6.17
C HIS B 274 7.19 18.30 6.98
N ARG B 275 6.26 17.62 6.31
CA ARG B 275 5.22 16.82 6.94
C ARG B 275 5.65 15.36 7.04
N TRP B 276 5.67 14.85 8.25
CA TRP B 276 5.79 13.41 8.48
C TRP B 276 4.39 12.89 8.82
N LEU B 277 3.75 12.24 7.84
CA LEU B 277 2.46 11.58 8.07
C LEU B 277 2.52 10.54 9.17
N TYR B 278 3.60 9.74 9.20
CA TYR B 278 3.74 8.61 10.13
C TYR B 278 5.00 8.83 10.97
N ALA B 279 4.92 9.78 11.89
CA ALA B 279 6.10 10.24 12.61
C ALA B 279 6.50 9.26 13.69
N ARG B 280 5.52 8.82 14.47
CA ARG B 280 5.78 8.01 15.64
C ARG B 280 4.52 7.21 15.92
N PRO B 281 4.64 6.02 16.49
CA PRO B 281 3.44 5.31 16.94
C PRO B 281 2.72 6.08 18.03
N ALA B 282 1.39 5.98 17.99
CA ALA B 282 0.57 6.62 19.01
C ALA B 282 0.72 5.93 20.37
N GLY B 283 1.08 4.65 20.40
CA GLY B 283 1.27 3.95 21.64
C GLY B 283 2.58 3.17 21.64
N SER B 284 2.91 2.63 22.80
CA SER B 284 4.03 1.71 22.94
C SER B 284 3.59 0.28 22.62
N HIS B 285 4.52 -0.53 22.17
CA HIS B 285 4.26 -1.95 21.96
C HIS B 285 5.42 -2.73 22.54
N GLU B 286 5.24 -4.06 22.64
CA GLU B 286 6.19 -4.95 23.29
C GLU B 286 6.53 -6.14 22.41
N TRP B 287 6.10 -6.13 21.15
CA TRP B 287 6.34 -7.25 20.25
C TRP B 287 7.81 -7.50 20.00
N GLY B 288 8.61 -6.43 19.84
CA GLY B 288 9.99 -6.60 19.42
C GLY B 288 10.16 -6.71 17.91
N ALA B 289 9.71 -7.81 17.34
CA ALA B 289 9.42 -7.89 15.92
C ALA B 289 8.16 -8.73 15.78
N LEU B 290 7.62 -8.74 14.57
CA LEU B 290 6.56 -9.65 14.17
C LEU B 290 7.07 -10.54 13.04
N SER B 291 6.53 -11.75 12.93
CA SER B 291 7.05 -12.68 11.94
C SER B 291 6.06 -13.79 11.62
N ASP B 292 6.14 -14.28 10.38
CA ASP B 292 5.59 -15.57 9.98
C ASP B 292 6.81 -16.37 9.50
N ALA B 293 7.52 -17.00 10.44
CA ALA B 293 8.81 -17.60 10.11
C ALA B 293 8.66 -18.78 9.19
N ASP B 294 7.51 -19.46 9.26
CA ASP B 294 7.26 -20.56 8.34
C ASP B 294 7.21 -20.07 6.90
N LEU B 295 6.63 -18.90 6.67
CA LEU B 295 6.59 -18.39 5.31
C LEU B 295 7.88 -17.70 4.94
N GLY B 296 8.59 -17.18 5.95
CA GLY B 296 9.82 -16.47 5.74
C GLY B 296 9.70 -14.97 5.66
N ILE B 297 8.70 -14.38 6.29
CA ILE B 297 8.54 -12.94 6.25
C ILE B 297 8.54 -12.40 7.68
N TYR B 298 9.28 -11.31 7.87
CA TYR B 298 9.54 -10.74 9.18
C TYR B 298 9.27 -9.24 9.11
N VAL B 299 8.85 -8.66 10.21
CA VAL B 299 8.41 -7.27 10.23
C VAL B 299 9.05 -6.59 11.42
N CYS B 300 9.57 -5.38 11.20
CA CYS B 300 10.20 -4.64 12.30
C CYS B 300 10.05 -3.15 12.07
N GLY B 301 10.39 -2.40 13.11
CA GLY B 301 10.26 -0.95 13.14
C GLY B 301 10.20 -0.45 14.56
N ASP B 302 10.29 0.87 14.70
CA ASP B 302 10.18 1.47 16.03
C ASP B 302 8.84 1.13 16.68
N TRP B 303 7.80 0.97 15.87
CA TRP B 303 6.44 0.72 16.38
C TRP B 303 6.25 -0.68 16.91
N CYS B 304 7.25 -1.56 16.76
CA CYS B 304 7.19 -2.83 17.50
C CYS B 304 7.60 -2.66 18.96
N LEU B 305 8.28 -1.56 19.28
CA LEU B 305 8.67 -1.30 20.64
C LEU B 305 8.24 0.11 21.01
N SER B 306 9.18 1.01 21.29
CA SER B 306 8.88 2.26 21.99
C SER B 306 8.68 3.45 21.07
N GLY B 307 8.89 3.32 19.76
CA GLY B 307 8.70 4.46 18.89
C GLY B 307 9.83 5.46 19.02
N ARG B 308 11.01 4.99 19.36
CA ARG B 308 12.22 5.77 19.48
C ARG B 308 13.29 5.12 18.61
N VAL B 309 14.38 5.87 18.37
CA VAL B 309 15.51 5.35 17.61
C VAL B 309 15.95 4.01 18.19
N GLU B 310 16.02 3.94 19.52
CA GLU B 310 16.45 2.72 20.21
C GLU B 310 15.51 1.55 19.92
N GLY B 311 14.20 1.82 19.88
CA GLY B 311 13.27 0.71 19.68
C GLY B 311 13.40 0.14 18.27
N ALA B 312 13.59 1.02 17.30
CA ALA B 312 13.78 0.59 15.92
C ALA B 312 15.03 -0.28 15.79
N TRP B 313 16.14 0.18 16.37
CA TRP B 313 17.37 -0.60 16.32
C TRP B 313 17.16 -1.97 16.94
N LEU B 314 16.55 -2.01 18.13
CA LEU B 314 16.33 -3.28 18.81
C LEU B 314 15.41 -4.17 17.98
N SER B 315 14.38 -3.57 17.39
CA SER B 315 13.43 -4.34 16.59
C SER B 315 14.14 -5.02 15.43
N GLY B 316 15.02 -4.27 14.75
CA GLY B 316 15.76 -4.85 13.64
C GLY B 316 16.63 -6.02 14.07
N GLN B 317 17.31 -5.88 15.21
CA GLN B 317 18.13 -6.97 15.72
C GLN B 317 17.26 -8.19 15.99
N GLU B 318 16.06 -7.94 16.50
CA GLU B 318 15.20 -9.03 16.88
C GLU B 318 14.70 -9.74 15.64
N ALA B 319 14.38 -8.98 14.59
CA ALA B 319 13.91 -9.63 13.37
C ALA B 319 14.99 -10.55 12.81
N ALA B 320 16.22 -10.06 12.72
CA ALA B 320 17.34 -10.84 12.20
C ALA B 320 17.61 -12.04 13.07
N ARG B 321 17.58 -11.87 14.40
CA ARG B 321 17.82 -12.98 15.31
C ARG B 321 16.80 -14.09 15.06
N ARG B 322 15.53 -13.72 14.88
CA ARG B 322 14.49 -14.73 14.66
C ARG B 322 14.73 -15.48 13.37
N LEU B 323 15.04 -14.77 12.30
CA LEU B 323 15.29 -15.41 11.02
C LEU B 323 16.50 -16.36 11.10
N LEU B 324 17.63 -15.87 11.60
CA LEU B 324 18.80 -16.73 11.72
C LEU B 324 18.49 -17.99 12.51
N GLU B 325 17.74 -17.87 13.62
CA GLU B 325 17.44 -19.01 14.47
C GLU B 325 16.51 -20.00 13.78
N HIS B 326 15.66 -19.53 12.88
CA HIS B 326 14.71 -20.42 12.21
C HIS B 326 15.31 -21.15 11.03
N LEU B 327 16.48 -20.71 10.54
CA LEU B 327 17.13 -21.37 9.40
C LEU B 327 17.31 -22.86 9.59
N GLN B 328 17.64 -23.29 10.81
CA GLN B 328 17.86 -24.71 11.02
C GLN B 328 16.60 -25.52 10.76
N LEU B 329 15.43 -24.93 10.89
CA LEU B 329 14.20 -25.64 10.58
C LEU B 329 13.82 -25.57 9.11
N GLU B 330 14.65 -24.96 8.27
CA GLU B 330 14.36 -24.87 6.84
C GLU B 330 15.32 -25.75 6.01
#